data_8HDL
#
_entry.id   8HDL
#
_cell.length_a   56.130
_cell.length_b   56.130
_cell.length_c   376.690
_cell.angle_alpha   90.00
_cell.angle_beta   90.00
_cell.angle_gamma   120.00
#
_symmetry.space_group_name_H-M   'P 65 2 2'
#
_entity_poly.entity_id   1
_entity_poly.type   'polypeptide(L)'
_entity_poly.pdbx_seq_one_letter_code
;APRSVALFHGIHPLNPKNYKTFSKEFETILNNAIEDGDFKGQLTEPCSYALRGGKYIRPIILMEIVRACQLQHSFGAPIY
PAEAALAVEYFHVASLIIDDMPSFDNDVKRRNKDTVWARFGVAKAQMSALALTMQGFQNICRQIDWIKEHCPRFPDPNQL
GALLCTFVSHSLNSAGSGQLVDTPEKTIPFFKIAFIMGWVLGTGTIEDIGMIERAAHCFGHAFQLADDIKDHDTDTGWNY
AKIHGKQKTFDDVAQSLQECKKILHGKKIFTSIWNEIFQKVINVALGT
;
_entity_poly.pdbx_strand_id   A
#
# COMPACT_ATOMS: atom_id res chain seq x y z
N ALA A 1 -13.85 -11.30 15.02
CA ALA A 1 -12.58 -10.70 14.68
C ALA A 1 -11.61 -10.72 15.88
N PRO A 2 -10.56 -11.53 15.78
CA PRO A 2 -9.56 -11.56 16.88
C PRO A 2 -8.89 -10.21 17.06
N ARG A 3 -8.77 -9.81 18.33
CA ARG A 3 -8.36 -8.45 18.66
C ARG A 3 -6.94 -8.42 19.19
N SER A 4 -6.37 -7.21 19.21
CA SER A 4 -5.01 -6.94 19.65
C SER A 4 -5.06 -6.28 21.04
N VAL A 5 -4.01 -5.53 21.37
CA VAL A 5 -3.93 -4.81 22.65
C VAL A 5 -3.65 -3.34 22.38
N ALA A 6 -2.86 -3.04 21.35
CA ALA A 6 -2.51 -1.66 20.99
C ALA A 6 -1.82 -1.65 19.63
N LEU A 7 -1.97 -0.52 18.91
CA LEU A 7 -1.36 -0.36 17.59
C LEU A 7 -0.59 0.95 17.46
N PHE A 8 -1.28 2.07 17.62
CA PHE A 8 -0.68 3.38 17.43
C PHE A 8 -1.12 4.31 18.54
N HIS A 9 -0.26 5.26 18.90
CA HIS A 9 -0.55 6.16 20.00
C HIS A 9 -0.04 7.55 19.68
N GLY A 10 -0.79 8.56 20.11
CA GLY A 10 -0.45 9.94 19.83
C GLY A 10 -0.58 10.30 18.37
N ILE A 11 -1.51 9.67 17.65
CA ILE A 11 -1.66 9.89 16.22
C ILE A 11 -2.70 10.96 15.98
N HIS A 12 -2.34 11.95 15.16
CA HIS A 12 -3.31 12.92 14.67
C HIS A 12 -3.77 12.48 13.29
N PRO A 13 -5.04 12.09 13.13
CA PRO A 13 -5.42 11.35 11.91
C PRO A 13 -5.31 12.16 10.64
N LEU A 14 -5.90 13.36 10.62
CA LEU A 14 -6.02 14.16 9.42
C LEU A 14 -4.91 15.17 9.23
N ASN A 15 -3.93 15.22 10.12
CA ASN A 15 -2.86 16.23 9.96
C ASN A 15 -2.12 16.08 8.64
N PRO A 16 -1.56 17.13 8.06
CA PRO A 16 -0.87 16.97 6.83
C PRO A 16 0.52 16.51 7.29
N LYS A 17 0.93 15.32 6.88
CA LYS A 17 2.25 14.80 7.29
C LYS A 17 3.07 14.50 6.06
N ASN A 18 4.39 14.59 6.17
CA ASN A 18 5.31 14.35 5.05
C ASN A 18 5.62 12.87 4.96
N TYR A 19 6.30 12.47 3.91
CA TYR A 19 6.58 11.03 3.68
C TYR A 19 7.33 10.42 4.85
N LYS A 20 8.39 11.07 5.31
CA LYS A 20 9.20 10.50 6.41
C LYS A 20 8.32 10.22 7.59
N THR A 21 7.62 11.22 8.09
CA THR A 21 6.72 11.04 9.25
C THR A 21 5.76 9.90 8.96
N PHE A 22 5.11 9.94 7.79
CA PHE A 22 4.24 8.82 7.44
C PHE A 22 4.97 7.50 7.51
N SER A 23 6.25 7.48 7.09
CA SER A 23 7.04 6.26 7.09
C SER A 23 7.35 5.81 8.52
N LYS A 24 7.81 6.74 9.36
CA LYS A 24 8.06 6.43 10.75
C LYS A 24 6.80 5.92 11.43
N GLU A 25 5.66 6.54 11.12
CA GLU A 25 4.38 6.10 11.68
C GLU A 25 4.05 4.68 11.25
N PHE A 26 4.19 4.39 9.95
CA PHE A 26 3.87 3.03 9.52
C PHE A 26 4.87 2.03 10.07
N GLU A 27 6.10 2.45 10.34
CA GLU A 27 7.06 1.50 10.92
C GLU A 27 6.69 1.19 12.36
N THR A 28 6.28 2.19 13.14
CA THR A 28 5.78 1.90 14.48
C THR A 28 4.50 1.06 14.42
N ILE A 29 3.64 1.32 13.44
CA ILE A 29 2.42 0.52 13.27
C ILE A 29 2.76 -0.93 12.96
N LEU A 30 3.69 -1.15 12.03
CA LEU A 30 4.09 -2.49 11.64
C LEU A 30 4.74 -3.24 12.80
N ASN A 31 5.66 -2.57 13.49
CA ASN A 31 6.36 -3.20 14.61
C ASN A 31 5.39 -3.56 15.73
N ASN A 32 4.52 -2.61 16.12
CA ASN A 32 3.50 -2.90 17.13
C ASN A 32 2.55 -3.98 16.67
N ALA A 33 2.28 -4.05 15.37
CA ALA A 33 1.34 -5.04 14.84
C ALA A 33 1.90 -6.44 14.89
N ILE A 34 3.22 -6.58 14.73
CA ILE A 34 3.84 -7.90 14.92
C ILE A 34 3.56 -8.42 16.33
N GLU A 35 3.77 -7.56 17.33
CA GLU A 35 3.82 -8.02 18.71
C GLU A 35 2.44 -8.43 19.23
N ASP A 36 1.41 -7.63 18.94
CA ASP A 36 0.09 -7.82 19.52
C ASP A 36 -0.60 -9.09 19.03
N GLY A 37 0.08 -9.89 18.22
CA GLY A 37 -0.47 -11.15 17.78
C GLY A 37 -0.98 -11.13 16.35
N ASP A 38 -0.07 -11.30 15.39
CA ASP A 38 -0.46 -11.49 14.00
C ASP A 38 0.15 -12.77 13.46
N PHE A 39 1.47 -12.90 13.64
CA PHE A 39 2.22 -14.00 13.04
C PHE A 39 2.67 -14.96 14.14
N LYS A 40 1.70 -15.62 14.75
CA LYS A 40 2.02 -16.69 15.69
C LYS A 40 2.41 -17.95 14.93
N GLY A 41 2.98 -18.90 15.66
CA GLY A 41 3.47 -20.12 15.06
C GLY A 41 4.94 -20.07 14.75
N GLN A 42 5.41 -21.11 14.07
CA GLN A 42 6.81 -21.24 13.71
C GLN A 42 7.24 -20.25 12.64
N LEU A 43 6.30 -19.61 11.95
CA LEU A 43 6.64 -18.61 10.94
C LEU A 43 6.74 -17.21 11.52
N THR A 44 6.78 -17.08 12.85
CA THR A 44 6.98 -15.78 13.48
C THR A 44 8.28 -15.14 13.00
N GLU A 45 9.36 -15.91 12.95
CA GLU A 45 10.66 -15.38 12.52
C GLU A 45 10.70 -15.06 11.04
N PRO A 46 10.22 -15.94 10.11
CA PRO A 46 10.29 -15.66 8.68
C PRO A 46 9.72 -14.31 8.24
N CYS A 47 8.43 -14.11 8.52
CA CYS A 47 7.77 -12.87 8.16
C CYS A 47 8.57 -11.69 8.70
N SER A 48 8.70 -11.59 10.02
CA SER A 48 9.44 -10.50 10.65
C SER A 48 10.74 -10.20 9.92
N TYR A 49 11.51 -11.24 9.59
CA TYR A 49 12.68 -11.05 8.73
C TYR A 49 12.29 -10.29 7.46
N ALA A 50 11.29 -10.80 6.74
CA ALA A 50 10.99 -10.27 5.40
C ALA A 50 10.52 -8.81 5.46
N LEU A 51 9.63 -8.48 6.39
CA LEU A 51 8.97 -7.17 6.36
C LEU A 51 9.87 -6.06 6.90
N ARG A 52 10.58 -6.35 7.99
CA ARG A 52 11.43 -5.35 8.67
C ARG A 52 12.31 -4.61 7.67
N GLY A 53 12.13 -3.29 7.55
CA GLY A 53 12.93 -2.44 6.65
C GLY A 53 12.43 -2.46 5.23
N GLY A 54 12.10 -1.29 4.68
CA GLY A 54 11.60 -1.25 3.31
C GLY A 54 11.17 0.14 2.90
N LYS A 55 10.74 0.30 1.65
CA LYS A 55 10.31 1.61 1.10
C LYS A 55 8.93 1.94 1.68
N TYR A 56 8.18 0.91 2.07
CA TYR A 56 6.85 1.09 2.63
C TYR A 56 5.96 2.00 1.78
N ILE A 57 6.23 2.14 0.48
CA ILE A 57 5.55 3.22 -0.25
C ILE A 57 4.10 2.87 -0.54
N ARG A 58 3.78 1.59 -0.77
CA ARG A 58 2.39 1.22 -1.01
C ARG A 58 1.49 1.51 0.20
N PRO A 59 1.83 1.10 1.43
CA PRO A 59 0.99 1.50 2.56
C PRO A 59 0.89 3.00 2.72
N ILE A 60 1.98 3.72 2.44
CA ILE A 60 1.97 5.17 2.58
C ILE A 60 0.96 5.78 1.60
N ILE A 61 0.94 5.27 0.37
CA ILE A 61 -0.05 5.70 -0.60
C ILE A 61 -1.45 5.49 -0.04
N LEU A 62 -1.71 4.28 0.45
CA LEU A 62 -3.01 3.98 1.06
C LEU A 62 -3.39 5.05 2.08
N MET A 63 -2.51 5.26 3.06
CA MET A 63 -2.81 6.12 4.20
C MET A 63 -3.04 7.56 3.78
N GLU A 64 -2.21 8.08 2.87
CA GLU A 64 -2.41 9.46 2.44
C GLU A 64 -3.72 9.60 1.67
N ILE A 65 -4.05 8.64 0.80
CA ILE A 65 -5.33 8.72 0.10
C ILE A 65 -6.47 8.81 1.11
N VAL A 66 -6.41 7.97 2.15
CA VAL A 66 -7.50 7.96 3.12
C VAL A 66 -7.55 9.27 3.89
N ARG A 67 -6.42 9.77 4.38
CA ARG A 67 -6.44 11.00 5.18
C ARG A 67 -6.94 12.18 4.35
N ALA A 68 -6.48 12.26 3.10
CA ALA A 68 -6.91 13.34 2.22
C ALA A 68 -8.41 13.27 1.97
N CYS A 69 -8.93 12.08 1.64
CA CYS A 69 -10.37 11.94 1.40
C CYS A 69 -11.16 12.27 2.67
N GLN A 70 -10.65 11.88 3.84
CA GLN A 70 -11.35 12.16 5.08
C GLN A 70 -11.40 13.65 5.38
N LEU A 71 -10.39 14.41 4.92
CA LEU A 71 -10.49 15.86 5.02
C LEU A 71 -11.75 16.39 4.34
N GLN A 72 -12.02 15.93 3.12
CA GLN A 72 -13.21 16.34 2.37
C GLN A 72 -14.47 16.14 3.20
N HIS A 73 -14.73 14.90 3.59
CA HIS A 73 -15.93 14.49 4.31
C HIS A 73 -15.59 13.40 5.30
N SER A 74 -16.31 13.38 6.41
CA SER A 74 -16.06 12.43 7.49
C SER A 74 -17.36 11.73 7.87
N PHE A 75 -17.22 10.59 8.54
CA PHE A 75 -18.36 9.76 8.92
C PHE A 75 -18.43 9.59 10.44
N GLY A 76 -17.90 10.55 11.19
CA GLY A 76 -17.88 10.43 12.64
C GLY A 76 -16.66 9.67 13.13
N ALA A 77 -15.68 10.45 13.58
CA ALA A 77 -14.31 10.06 14.03
C ALA A 77 -13.46 9.72 12.80
N PRO A 78 -12.43 10.52 12.47
CA PRO A 78 -11.63 10.31 11.27
C PRO A 78 -11.05 8.89 11.16
N ILE A 79 -11.03 8.34 9.95
CA ILE A 79 -10.49 6.98 9.72
C ILE A 79 -8.98 7.06 9.55
N TYR A 80 -8.23 6.39 10.41
CA TYR A 80 -6.79 6.28 10.24
C TYR A 80 -6.48 4.85 9.81
N PRO A 81 -6.34 4.59 8.51
CA PRO A 81 -6.19 3.20 8.05
C PRO A 81 -4.86 2.58 8.44
N ALA A 82 -4.87 1.77 9.49
CA ALA A 82 -3.67 1.10 9.96
C ALA A 82 -3.66 -0.37 9.55
N GLU A 83 -4.69 -1.10 9.94
CA GLU A 83 -4.78 -2.52 9.60
C GLU A 83 -4.81 -2.72 8.09
N ALA A 84 -5.44 -1.78 7.36
CA ALA A 84 -5.48 -1.90 5.90
C ALA A 84 -4.12 -1.63 5.27
N ALA A 85 -3.38 -0.62 5.77
CA ALA A 85 -2.05 -0.37 5.24
C ALA A 85 -1.10 -1.52 5.54
N LEU A 86 -1.21 -2.07 6.75
CA LEU A 86 -0.65 -3.37 7.08
C LEU A 86 -0.90 -4.37 5.97
N ALA A 87 -2.18 -4.57 5.62
CA ALA A 87 -2.53 -5.56 4.61
C ALA A 87 -1.86 -5.27 3.28
N VAL A 88 -1.79 -3.99 2.91
CA VAL A 88 -1.12 -3.61 1.66
C VAL A 88 0.31 -4.12 1.66
N GLU A 89 1.08 -3.72 2.68
CA GLU A 89 2.48 -4.13 2.71
C GLU A 89 2.62 -5.65 2.85
N TYR A 90 1.64 -6.30 3.48
CA TYR A 90 1.65 -7.76 3.59
C TYR A 90 1.60 -8.40 2.21
N PHE A 91 0.59 -8.05 1.43
CA PHE A 91 0.46 -8.57 0.06
C PHE A 91 1.75 -8.34 -0.72
N HIS A 92 2.24 -7.10 -0.69
CA HIS A 92 3.38 -6.73 -1.51
C HIS A 92 4.63 -7.51 -1.10
N VAL A 93 4.80 -7.74 0.20
CA VAL A 93 5.99 -8.44 0.69
C VAL A 93 5.91 -9.93 0.37
N ALA A 94 4.71 -10.50 0.42
CA ALA A 94 4.55 -11.90 0.02
C ALA A 94 4.94 -12.09 -1.44
N SER A 95 4.57 -11.13 -2.29
CA SER A 95 5.01 -11.18 -3.69
C SER A 95 6.53 -11.26 -3.78
N LEU A 96 7.23 -10.49 -2.94
CA LEU A 96 8.70 -10.47 -2.99
C LEU A 96 9.27 -11.82 -2.55
N ILE A 97 8.76 -12.36 -1.44
CA ILE A 97 9.20 -13.68 -0.98
C ILE A 97 9.09 -14.69 -2.11
N ILE A 98 7.94 -14.69 -2.81
CA ILE A 98 7.78 -15.65 -3.90
C ILE A 98 8.75 -15.38 -5.03
N ASP A 99 9.03 -14.10 -5.31
CA ASP A 99 9.93 -13.78 -6.43
C ASP A 99 11.35 -14.26 -6.17
N ASP A 100 11.83 -14.18 -4.93
CA ASP A 100 13.21 -14.60 -4.68
C ASP A 100 13.41 -16.11 -4.73
N MET A 101 12.34 -16.90 -4.81
CA MET A 101 12.47 -18.34 -4.63
C MET A 101 12.92 -19.03 -5.92
N PRO A 102 13.64 -20.17 -5.81
CA PRO A 102 14.26 -20.86 -6.95
C PRO A 102 13.26 -21.40 -7.96
N ASP A 114 21.35 -12.02 2.38
CA ASP A 114 20.79 -13.12 1.62
C ASP A 114 19.27 -13.02 1.54
N THR A 115 18.63 -14.10 1.10
CA THR A 115 17.21 -14.08 0.80
C THR A 115 16.39 -14.54 2.00
N VAL A 116 15.06 -14.58 1.83
CA VAL A 116 14.18 -15.06 2.87
C VAL A 116 14.30 -16.57 3.02
N TRP A 117 14.24 -17.28 1.89
CA TRP A 117 14.33 -18.74 1.93
C TRP A 117 15.73 -19.24 2.27
N ALA A 118 16.73 -18.36 2.32
CA ALA A 118 18.07 -18.80 2.68
C ALA A 118 18.17 -19.10 4.16
N ARG A 119 17.82 -18.12 4.99
CA ARG A 119 18.01 -18.25 6.43
C ARG A 119 17.08 -19.29 7.05
N PHE A 120 15.94 -19.56 6.40
CA PHE A 120 14.91 -20.42 6.97
C PHE A 120 14.52 -21.60 6.10
N GLY A 121 14.73 -21.55 4.80
CA GLY A 121 14.35 -22.68 3.96
C GLY A 121 13.17 -22.33 3.09
N VAL A 122 13.21 -22.81 1.85
CA VAL A 122 12.16 -22.51 0.87
C VAL A 122 10.80 -22.95 1.37
N ALA A 123 10.74 -24.08 2.08
CA ALA A 123 9.48 -24.56 2.65
C ALA A 123 8.85 -23.49 3.53
N LYS A 124 9.57 -23.08 4.56
CA LYS A 124 9.13 -21.97 5.40
C LYS A 124 8.93 -20.70 4.61
N ALA A 125 9.68 -20.49 3.53
CA ALA A 125 9.51 -19.27 2.74
C ALA A 125 8.10 -19.17 2.19
N GLN A 126 7.64 -20.23 1.50
CA GLN A 126 6.28 -20.17 0.95
C GLN A 126 5.23 -20.24 2.04
N MET A 127 5.47 -21.03 3.09
CA MET A 127 4.54 -21.04 4.21
C MET A 127 4.33 -19.62 4.74
N SER A 128 5.43 -18.88 4.90
CA SER A 128 5.35 -17.50 5.34
C SER A 128 4.52 -16.67 4.37
N ALA A 129 4.90 -16.68 3.09
CA ALA A 129 4.17 -15.91 2.08
C ALA A 129 2.66 -16.11 2.20
N LEU A 130 2.24 -17.37 2.33
CA LEU A 130 0.81 -17.63 2.50
C LEU A 130 0.30 -17.02 3.79
N ALA A 131 1.08 -17.10 4.87
CA ALA A 131 0.65 -16.50 6.13
C ALA A 131 0.44 -14.99 5.99
N LEU A 132 1.35 -14.29 5.31
CA LEU A 132 1.19 -12.85 5.17
C LEU A 132 -0.03 -12.51 4.32
N THR A 133 -0.25 -13.22 3.22
CA THR A 133 -1.45 -12.92 2.43
C THR A 133 -2.72 -13.18 3.24
N MET A 134 -2.75 -14.29 3.98
CA MET A 134 -3.92 -14.67 4.77
C MET A 134 -4.22 -13.61 5.82
N GLN A 135 -3.23 -13.26 6.63
CA GLN A 135 -3.51 -12.28 7.67
C GLN A 135 -3.61 -10.86 7.12
N GLY A 136 -3.16 -10.62 5.89
CA GLY A 136 -3.51 -9.37 5.24
C GLY A 136 -5.00 -9.25 5.02
N PHE A 137 -5.62 -10.29 4.45
CA PHE A 137 -7.08 -10.28 4.37
C PHE A 137 -7.72 -10.20 5.74
N GLN A 138 -7.11 -10.86 6.73
CA GLN A 138 -7.67 -10.82 8.06
C GLN A 138 -7.68 -9.40 8.62
N ASN A 139 -6.59 -8.64 8.40
CA ASN A 139 -6.55 -7.25 8.80
C ASN A 139 -7.44 -6.37 7.94
N ILE A 140 -7.76 -6.80 6.72
CA ILE A 140 -8.80 -6.14 5.93
C ILE A 140 -10.12 -6.17 6.70
N CYS A 141 -10.54 -7.39 7.04
CA CYS A 141 -11.78 -7.55 7.82
C CYS A 141 -11.69 -6.80 9.14
N ARG A 142 -10.50 -6.77 9.76
CA ARG A 142 -10.30 -6.05 11.01
C ARG A 142 -10.51 -4.54 10.84
N GLN A 143 -10.02 -3.97 9.74
CA GLN A 143 -10.27 -2.56 9.45
C GLN A 143 -11.75 -2.30 9.31
N ILE A 144 -12.47 -3.20 8.63
CA ILE A 144 -13.92 -3.05 8.53
C ILE A 144 -14.57 -3.06 9.91
N ASP A 145 -14.12 -3.95 10.80
CA ASP A 145 -14.72 -4.03 12.13
C ASP A 145 -14.43 -2.76 12.95
N TRP A 146 -13.19 -2.26 12.86
CA TRP A 146 -12.86 -0.99 13.49
C TRP A 146 -13.78 0.13 13.00
N ILE A 147 -13.99 0.18 11.68
CA ILE A 147 -14.91 1.17 11.11
C ILE A 147 -16.30 1.01 11.70
N LYS A 148 -16.78 -0.24 11.77
CA LYS A 148 -18.12 -0.48 12.32
C LYS A 148 -18.22 0.02 13.75
N GLU A 149 -17.18 -0.15 14.56
CA GLU A 149 -17.28 0.35 15.92
C GLU A 149 -17.18 1.87 16.00
N HIS A 150 -16.22 2.51 15.29
CA HIS A 150 -16.07 3.96 15.51
C HIS A 150 -16.81 4.84 14.51
N CYS A 151 -17.31 4.29 13.40
CA CYS A 151 -17.93 5.08 12.35
C CYS A 151 -19.33 4.55 12.07
N PRO A 152 -20.33 5.01 12.82
CA PRO A 152 -21.71 4.54 12.59
C PRO A 152 -22.36 5.13 11.36
N ARG A 153 -21.93 6.31 10.92
CA ARG A 153 -22.48 6.94 9.71
C ARG A 153 -21.92 6.35 8.43
N PHE A 154 -20.85 5.56 8.53
CA PHE A 154 -20.15 5.07 7.35
C PHE A 154 -21.10 4.24 6.49
N PRO A 155 -21.22 4.54 5.20
CA PRO A 155 -22.24 3.87 4.36
C PRO A 155 -21.90 2.41 4.12
N ASP A 156 -22.90 1.57 4.45
CA ASP A 156 -22.96 0.08 4.29
C ASP A 156 -21.59 -0.60 4.34
N PRO A 157 -20.93 -0.67 5.51
CA PRO A 157 -19.61 -1.28 5.59
C PRO A 157 -19.50 -2.74 5.11
N ASN A 158 -20.51 -3.57 5.33
CA ASN A 158 -20.37 -4.97 4.92
C ASN A 158 -20.20 -5.11 3.40
N GLN A 159 -21.09 -4.48 2.63
CA GLN A 159 -21.03 -4.63 1.18
C GLN A 159 -19.74 -4.06 0.62
N LEU A 160 -19.35 -2.88 1.09
CA LEU A 160 -18.10 -2.26 0.61
C LEU A 160 -16.88 -3.09 1.02
N GLY A 161 -16.89 -3.67 2.22
CA GLY A 161 -15.78 -4.53 2.60
C GLY A 161 -15.69 -5.77 1.74
N ALA A 162 -16.82 -6.38 1.43
CA ALA A 162 -16.83 -7.53 0.53
C ALA A 162 -16.30 -7.13 -0.85
N LEU A 163 -16.68 -5.94 -1.32
CA LEU A 163 -16.22 -5.48 -2.63
C LEU A 163 -14.72 -5.21 -2.63
N LEU A 164 -14.20 -4.66 -1.53
CA LEU A 164 -12.75 -4.49 -1.39
C LEU A 164 -12.04 -5.82 -1.47
N CYS A 165 -12.49 -6.79 -0.68
CA CYS A 165 -11.88 -8.11 -0.74
C CYS A 165 -11.93 -8.68 -2.14
N THR A 166 -13.04 -8.43 -2.87
CA THR A 166 -13.18 -8.94 -4.22
C THR A 166 -12.17 -8.30 -5.17
N PHE A 167 -11.98 -7.00 -5.07
CA PHE A 167 -11.02 -6.34 -5.96
C PHE A 167 -9.60 -6.78 -5.65
N VAL A 168 -9.23 -6.80 -4.37
CA VAL A 168 -7.90 -7.30 -3.99
C VAL A 168 -7.71 -8.73 -4.47
N SER A 169 -8.79 -9.53 -4.41
CA SER A 169 -8.78 -10.88 -4.94
C SER A 169 -8.41 -10.90 -6.41
N HIS A 170 -9.25 -10.27 -7.24
CA HIS A 170 -9.04 -10.25 -8.68
C HIS A 170 -7.64 -9.73 -9.02
N SER A 171 -7.14 -8.77 -8.25
CA SER A 171 -5.82 -8.21 -8.53
C SER A 171 -4.71 -9.18 -8.15
N LEU A 172 -4.90 -9.97 -7.09
CA LEU A 172 -3.84 -10.85 -6.62
C LEU A 172 -3.55 -11.96 -7.62
N ASN A 173 -4.58 -12.53 -8.24
CA ASN A 173 -4.37 -13.60 -9.21
C ASN A 173 -3.92 -13.07 -10.57
N SER A 174 -4.08 -11.78 -10.83
CA SER A 174 -3.68 -11.18 -12.10
C SER A 174 -2.24 -10.67 -12.06
N ALA A 175 -1.35 -11.39 -11.38
CA ALA A 175 0.07 -11.02 -11.28
C ALA A 175 0.89 -12.06 -12.05
N GLY A 176 1.14 -11.76 -13.32
CA GLY A 176 1.93 -12.64 -14.17
C GLY A 176 1.31 -14.01 -14.38
N GLU A 185 2.74 -4.80 -15.29
CA GLU A 185 3.37 -6.08 -15.02
C GLU A 185 2.88 -6.64 -13.69
N LYS A 186 3.80 -7.19 -12.90
CA LYS A 186 3.49 -7.67 -11.57
C LYS A 186 3.60 -6.59 -10.51
N THR A 187 4.29 -5.49 -10.81
CA THR A 187 4.41 -4.40 -9.84
C THR A 187 3.13 -3.56 -9.78
N ILE A 188 2.40 -3.49 -10.89
CA ILE A 188 1.20 -2.66 -10.95
C ILE A 188 0.12 -3.10 -9.97
N PRO A 189 -0.28 -4.38 -9.92
CA PRO A 189 -1.50 -4.73 -9.16
C PRO A 189 -1.44 -4.34 -7.69
N PHE A 190 -0.27 -4.37 -7.08
CA PHE A 190 -0.19 -4.03 -5.65
C PHE A 190 -0.40 -2.55 -5.43
N PHE A 191 0.04 -1.71 -6.37
CA PHE A 191 -0.30 -0.30 -6.31
C PHE A 191 -1.78 -0.07 -6.58
N LYS A 192 -2.38 -0.90 -7.45
CA LYS A 192 -3.83 -0.85 -7.58
C LYS A 192 -4.52 -1.15 -6.27
N ILE A 193 -4.02 -2.16 -5.54
CA ILE A 193 -4.56 -2.46 -4.21
C ILE A 193 -4.47 -1.23 -3.32
N ALA A 194 -3.26 -0.67 -3.19
CA ALA A 194 -3.07 0.51 -2.36
C ALA A 194 -4.08 1.59 -2.71
N PHE A 195 -4.12 2.01 -3.99
CA PHE A 195 -4.97 3.12 -4.39
C PHE A 195 -6.44 2.82 -4.13
N ILE A 196 -6.95 1.71 -4.66
CA ILE A 196 -8.39 1.45 -4.60
C ILE A 196 -8.85 1.28 -3.17
N MET A 197 -8.07 0.53 -2.37
CA MET A 197 -8.41 0.35 -0.97
C MET A 197 -8.44 1.68 -0.24
N GLY A 198 -7.40 2.50 -0.41
CA GLY A 198 -7.39 3.79 0.22
C GLY A 198 -8.50 4.70 -0.27
N TRP A 199 -8.93 4.49 -1.51
CA TRP A 199 -9.98 5.33 -2.09
C TRP A 199 -11.31 5.04 -1.43
N VAL A 200 -11.68 3.76 -1.34
CA VAL A 200 -12.99 3.45 -0.76
C VAL A 200 -12.96 3.58 0.76
N LEU A 201 -11.79 3.43 1.39
CA LEU A 201 -11.76 3.59 2.84
C LEU A 201 -11.68 5.04 3.27
N GLY A 202 -11.04 5.90 2.48
CA GLY A 202 -11.17 7.33 2.72
C GLY A 202 -12.59 7.81 2.57
N THR A 203 -13.41 7.08 1.82
CA THR A 203 -14.79 7.47 1.58
C THR A 203 -15.62 6.35 0.96
N GLY A 204 -16.76 6.03 1.54
CA GLY A 204 -17.61 4.97 0.93
C GLY A 204 -18.19 5.47 -0.38
N THR A 205 -17.35 5.58 -1.40
CA THR A 205 -17.65 6.21 -2.68
C THR A 205 -18.02 5.27 -3.82
N ILE A 206 -17.01 4.54 -4.30
CA ILE A 206 -17.16 3.69 -5.48
C ILE A 206 -17.93 4.55 -6.48
N GLU A 207 -17.53 5.81 -6.58
CA GLU A 207 -18.20 6.74 -7.48
C GLU A 207 -17.32 6.85 -8.71
N ASP A 208 -15.99 6.87 -8.52
CA ASP A 208 -15.04 6.94 -9.61
C ASP A 208 -13.88 5.99 -9.34
N ILE A 209 -14.17 4.70 -9.18
CA ILE A 209 -13.10 3.75 -8.89
C ILE A 209 -12.25 3.47 -10.12
N GLY A 210 -12.87 3.43 -11.30
CA GLY A 210 -12.09 3.18 -12.51
C GLY A 210 -11.08 4.28 -12.79
N MET A 211 -11.46 5.52 -12.50
CA MET A 211 -10.51 6.62 -12.60
C MET A 211 -9.32 6.39 -11.66
N ILE A 212 -9.60 5.96 -10.43
CA ILE A 212 -8.52 5.66 -9.49
C ILE A 212 -7.70 4.47 -9.98
N GLU A 213 -8.33 3.55 -10.71
CA GLU A 213 -7.60 2.44 -11.29
C GLU A 213 -6.58 2.95 -12.31
N ARG A 214 -7.00 3.87 -13.19
CA ARG A 214 -6.04 4.43 -14.13
C ARG A 214 -4.96 5.23 -13.41
N ALA A 215 -5.34 5.93 -12.34
CA ALA A 215 -4.34 6.66 -11.56
C ALA A 215 -3.27 5.72 -11.00
N ALA A 216 -3.71 4.68 -10.28
CA ALA A 216 -2.77 3.69 -9.73
C ALA A 216 -1.96 3.04 -10.83
N HIS A 217 -2.58 2.79 -11.98
CA HIS A 217 -1.90 2.11 -13.07
C HIS A 217 -0.78 2.97 -13.64
N CYS A 218 -1.08 4.24 -13.91
CA CYS A 218 -0.06 5.17 -14.36
C CYS A 218 1.07 5.28 -13.35
N PHE A 219 0.74 5.37 -12.05
CA PHE A 219 1.79 5.53 -11.06
C PHE A 219 2.66 4.29 -10.96
N GLY A 220 2.04 3.11 -10.89
CA GLY A 220 2.82 1.88 -10.82
C GLY A 220 3.67 1.68 -12.05
N HIS A 221 3.16 2.11 -13.21
CA HIS A 221 3.95 2.05 -14.43
C HIS A 221 5.19 2.92 -14.33
N ALA A 222 5.00 4.18 -13.90
CA ALA A 222 6.14 5.07 -13.75
C ALA A 222 7.14 4.53 -12.72
N PHE A 223 6.64 3.93 -11.64
CA PHE A 223 7.52 3.37 -10.62
C PHE A 223 8.36 2.23 -11.19
N GLN A 224 7.71 1.28 -11.86
CA GLN A 224 8.44 0.15 -12.43
C GLN A 224 9.46 0.61 -13.46
N LEU A 225 9.09 1.58 -14.31
CA LEU A 225 10.04 2.06 -15.30
C LEU A 225 11.22 2.78 -14.65
N ALA A 226 10.96 3.64 -13.66
CA ALA A 226 12.05 4.25 -12.93
C ALA A 226 12.96 3.21 -12.29
N ASP A 227 12.38 2.10 -11.83
CA ASP A 227 13.19 1.05 -11.20
C ASP A 227 14.02 0.30 -12.23
N ASP A 228 13.50 0.09 -13.44
CA ASP A 228 14.31 -0.52 -14.50
C ASP A 228 15.47 0.39 -14.90
N ILE A 229 15.25 1.72 -14.85
CA ILE A 229 16.26 2.66 -15.30
C ILE A 229 17.40 2.81 -14.30
N LYS A 230 17.12 2.49 -13.03
CA LYS A 230 18.12 2.57 -11.93
C LYS A 230 19.41 1.88 -12.35
N ASP A 231 20.51 2.64 -12.40
CA ASP A 231 21.84 2.11 -12.79
C ASP A 231 22.29 1.06 -11.76
N TYR A 240 30.44 5.92 -22.12
CA TYR A 240 29.38 6.63 -22.83
C TYR A 240 28.69 5.73 -23.85
N ALA A 241 28.02 4.68 -23.38
CA ALA A 241 27.27 3.80 -24.26
C ALA A 241 26.11 4.57 -24.90
N LYS A 242 26.08 4.60 -26.24
CA LYS A 242 25.04 5.35 -26.95
C LYS A 242 24.01 4.27 -26.65
N ILE A 243 23.24 4.43 -25.60
CA ILE A 243 22.14 3.56 -25.21
C ILE A 243 21.08 4.54 -24.74
N HIS A 244 21.01 5.69 -25.41
CA HIS A 244 20.21 6.83 -24.97
C HIS A 244 20.67 7.32 -23.59
N GLY A 245 19.72 7.76 -22.78
CA GLY A 245 19.80 7.62 -21.34
C GLY A 245 18.48 6.93 -21.06
N LYS A 246 18.00 6.25 -22.09
CA LYS A 246 16.58 5.93 -22.27
C LYS A 246 15.71 7.09 -21.80
N GLN A 247 16.06 8.27 -22.30
CA GLN A 247 15.16 9.42 -22.32
C GLN A 247 13.75 9.09 -22.81
N LYS A 248 13.61 8.11 -23.70
CA LYS A 248 12.27 7.65 -24.08
C LYS A 248 11.52 7.10 -22.87
N THR A 249 12.19 6.25 -22.08
CA THR A 249 11.56 5.67 -20.90
C THR A 249 11.24 6.75 -19.87
N PHE A 250 12.11 7.75 -19.72
CA PHE A 250 11.81 8.86 -18.81
C PHE A 250 10.59 9.63 -19.30
N ASP A 251 10.48 9.84 -20.62
CA ASP A 251 9.28 10.47 -21.15
C ASP A 251 8.04 9.69 -20.78
N ASP A 252 8.10 8.36 -20.90
CA ASP A 252 6.98 7.53 -20.45
C ASP A 252 6.69 7.74 -18.97
N VAL A 253 7.74 7.75 -18.14
CA VAL A 253 7.59 7.91 -16.69
C VAL A 253 6.87 9.21 -16.37
N ALA A 254 7.39 10.31 -16.91
CA ALA A 254 6.86 11.63 -16.57
C ALA A 254 5.47 11.84 -17.17
N GLN A 255 5.20 11.25 -18.34
CA GLN A 255 3.86 11.32 -18.92
C GLN A 255 2.83 10.60 -18.04
N SER A 256 3.16 9.38 -17.61
CA SER A 256 2.26 8.65 -16.72
C SER A 256 2.10 9.38 -15.39
N LEU A 257 3.19 9.94 -14.85
CA LEU A 257 3.11 10.74 -13.62
C LEU A 257 2.20 11.93 -13.81
N GLN A 258 2.28 12.59 -14.97
CA GLN A 258 1.41 13.73 -15.26
C GLN A 258 -0.05 13.30 -15.25
N GLU A 259 -0.36 12.19 -15.91
CA GLU A 259 -1.75 11.77 -16.00
C GLU A 259 -2.29 11.36 -14.63
N CYS A 260 -1.44 10.71 -13.83
CA CYS A 260 -1.81 10.35 -12.47
C CYS A 260 -2.10 11.60 -11.63
N LYS A 261 -1.22 12.60 -11.69
CA LYS A 261 -1.46 13.86 -10.99
C LYS A 261 -2.75 14.50 -11.48
N LYS A 262 -3.05 14.38 -12.78
CA LYS A 262 -4.28 14.95 -13.31
C LYS A 262 -5.49 14.33 -12.64
N ILE A 263 -5.54 13.00 -12.54
CA ILE A 263 -6.64 12.36 -11.83
C ILE A 263 -6.68 12.80 -10.37
N LEU A 264 -5.52 12.84 -9.72
CA LEU A 264 -5.43 13.20 -8.30
C LEU A 264 -6.05 14.57 -8.05
N HIS A 265 -5.51 15.60 -8.70
CA HIS A 265 -6.10 16.93 -8.57
C HIS A 265 -7.50 17.01 -9.18
N GLY A 266 -7.92 16.00 -9.95
CA GLY A 266 -9.29 15.91 -10.37
C GLY A 266 -10.24 15.39 -9.33
N LYS A 267 -9.71 14.83 -8.23
CA LYS A 267 -10.55 14.45 -7.10
C LYS A 267 -10.16 15.13 -5.79
N LYS A 268 -9.41 16.25 -5.86
CA LYS A 268 -9.06 17.11 -4.74
C LYS A 268 -8.12 16.46 -3.71
N ILE A 269 -7.57 15.27 -4.01
CA ILE A 269 -6.70 14.60 -3.06
C ILE A 269 -5.23 14.71 -3.46
N PHE A 270 -4.90 15.62 -4.38
CA PHE A 270 -3.51 15.85 -4.77
C PHE A 270 -2.86 16.75 -3.72
N THR A 271 -2.29 16.15 -2.68
CA THR A 271 -1.72 16.87 -1.57
C THR A 271 -0.24 17.15 -1.80
N SER A 272 0.42 17.68 -0.76
CA SER A 272 1.83 18.04 -0.86
C SER A 272 2.76 16.84 -0.71
N ILE A 273 2.27 15.76 -0.09
CA ILE A 273 2.99 14.49 -0.15
C ILE A 273 3.34 14.13 -1.58
N TRP A 274 2.33 14.17 -2.47
CA TRP A 274 2.54 13.70 -3.84
C TRP A 274 3.66 14.44 -4.55
N ASN A 275 3.97 15.67 -4.13
CA ASN A 275 5.17 16.35 -4.60
C ASN A 275 6.42 15.56 -4.23
N GLU A 276 6.60 15.30 -2.93
CA GLU A 276 7.75 14.53 -2.46
C GLU A 276 7.82 13.17 -3.16
N ILE A 277 6.67 12.51 -3.32
CA ILE A 277 6.65 11.16 -3.88
C ILE A 277 7.03 11.19 -5.36
N PHE A 278 6.42 12.09 -6.13
CA PHE A 278 6.75 12.20 -7.55
C PHE A 278 8.22 12.52 -7.76
N GLN A 279 8.78 13.41 -6.92
CA GLN A 279 10.18 13.74 -7.12
C GLN A 279 11.11 12.62 -6.66
N LYS A 280 10.70 11.81 -5.68
CA LYS A 280 11.47 10.61 -5.36
C LYS A 280 11.51 9.67 -6.56
N VAL A 281 10.35 9.44 -7.18
CA VAL A 281 10.30 8.60 -8.37
C VAL A 281 11.20 9.16 -9.46
N ILE A 282 11.15 10.47 -9.67
CA ILE A 282 11.93 11.09 -10.75
C ILE A 282 13.42 10.99 -10.45
N ASN A 283 13.82 11.26 -9.21
CA ASN A 283 15.22 11.16 -8.83
C ASN A 283 15.73 9.73 -8.90
N VAL A 284 14.85 8.74 -8.82
CA VAL A 284 15.26 7.38 -9.14
C VAL A 284 15.74 7.30 -10.58
N ALA A 285 14.92 7.78 -11.52
CA ALA A 285 15.25 7.70 -12.94
C ALA A 285 16.38 8.63 -13.35
N LEU A 286 16.75 9.60 -12.51
CA LEU A 286 17.82 10.53 -12.82
C LEU A 286 19.18 10.13 -12.25
N GLY A 287 19.27 9.03 -11.49
CA GLY A 287 20.50 8.67 -10.84
C GLY A 287 20.86 9.55 -9.66
N THR A 288 20.00 10.47 -9.27
CA THR A 288 20.23 11.36 -8.12
C THR A 288 19.76 10.65 -6.85
#